data_5CHP
#
_entry.id   5CHP
#
_cell.length_a   110.580
_cell.length_b   110.580
_cell.length_c   122.960
_cell.angle_alpha   90.00
_cell.angle_beta   90.00
_cell.angle_gamma   90.00
#
_symmetry.space_group_name_H-M   'I 41 2 2'
#
loop_
_entity.id
_entity.type
_entity.pdbx_description
1 polymer 'Thymidylate synthase ThyX'
2 non-polymer 'FLAVIN-ADENINE DINUCLEOTIDE'
3 non-polymer '(2S)-2-[(3-hydroxy-5-oxo-4,5-dihydro-1,2,4-triazin-6-yl)sulfanyl]propanoic acid'
4 water water
#
_entity_poly.entity_id   1
_entity_poly.type   'polypeptide(L)'
_entity_poly.pdbx_seq_one_letter_code
;MSHHHHHHSMDIELMKIDILDKGFVELVDVMGNDLSAVRAARVSFDMGLKDEERDRHLIEYLMKHGHETPFEHIVFTFHV
KAPIFVARQWFRHRIASYNELSGRYSKLSYEFYIPSPERLEGYKTTIPPERVTEKISEIVDKAYRTYLELIESGVPREVA
RIVLPLNLYTRFFWTVNARSLMNFLNLRADSHAQWEIQQYALAIARIFKEKCPWTFEAFLKYAYKGDILKEVQV
;
_entity_poly.pdbx_strand_id   A
#
loop_
_chem_comp.id
_chem_comp.type
_chem_comp.name
_chem_comp.formula
51Q non-polymer '(2S)-2-[(3-hydroxy-5-oxo-4,5-dihydro-1,2,4-triazin-6-yl)sulfanyl]propanoic acid' 'C6 H7 N3 O4 S'
FAD non-polymer 'FLAVIN-ADENINE DINUCLEOTIDE' 'C27 H33 N9 O15 P2'
#
# COMPACT_ATOMS: atom_id res chain seq x y z
N MET A 15 12.96 -1.94 8.03
CA MET A 15 12.23 -3.20 8.35
C MET A 15 11.26 -3.52 7.21
N LYS A 16 11.30 -4.75 6.73
CA LYS A 16 10.42 -5.08 5.60
C LYS A 16 9.21 -5.79 6.29
N ILE A 17 7.92 -5.43 6.03
CA ILE A 17 6.82 -6.23 6.51
C ILE A 17 6.34 -7.16 5.39
N ASP A 18 6.34 -8.50 5.58
CA ASP A 18 5.83 -9.41 4.48
C ASP A 18 4.33 -9.36 4.35
N ILE A 19 3.81 -9.45 3.10
CA ILE A 19 2.35 -9.33 2.89
C ILE A 19 2.00 -10.36 1.81
N LEU A 20 0.86 -11.02 1.97
CA LEU A 20 0.40 -12.07 1.01
C LEU A 20 1.45 -13.21 0.99
N ASP A 21 1.62 -13.87 -0.14
CA ASP A 21 2.56 -15.02 -0.15
C ASP A 21 4.01 -14.54 -0.45
N LYS A 22 4.21 -13.50 -1.27
CA LYS A 22 5.52 -13.10 -1.67
C LYS A 22 5.71 -11.53 -1.66
N GLY A 23 4.70 -10.82 -1.22
CA GLY A 23 4.83 -9.31 -1.29
C GLY A 23 5.43 -8.72 -0.01
N PHE A 24 5.66 -7.41 -0.08
CA PHE A 24 6.16 -6.72 1.13
C PHE A 24 5.89 -5.21 1.02
N VAL A 25 6.01 -4.55 2.17
CA VAL A 25 6.04 -3.07 2.18
C VAL A 25 7.24 -2.74 3.05
N GLU A 26 8.05 -1.78 2.61
CA GLU A 26 9.21 -1.39 3.41
C GLU A 26 9.30 0.15 3.38
N LEU A 27 9.45 0.75 4.59
CA LEU A 27 9.62 2.21 4.54
C LEU A 27 11.09 2.49 4.20
N VAL A 28 11.39 3.31 3.19
CA VAL A 28 12.74 3.58 2.64
C VAL A 28 13.21 4.94 3.22
N ASP A 29 12.31 5.89 3.49
CA ASP A 29 12.78 7.25 3.92
C ASP A 29 11.58 7.97 4.52
N VAL A 30 11.82 8.98 5.36
CA VAL A 30 10.67 9.71 5.99
C VAL A 30 11.21 11.13 6.25
N MET A 31 10.36 12.14 6.09
CA MET A 31 10.76 13.57 6.42
C MET A 31 9.69 13.96 7.42
N GLY A 32 10.12 14.37 8.61
CA GLY A 32 9.16 14.98 9.49
C GLY A 32 8.56 13.97 10.46
N ASN A 33 7.81 14.50 11.41
CA ASN A 33 7.19 13.72 12.42
C ASN A 33 6.02 14.51 12.91
N ASP A 34 5.45 14.11 14.06
CA ASP A 34 4.31 14.84 14.50
C ASP A 34 4.64 16.32 14.69
N LEU A 35 5.81 16.63 15.18
CA LEU A 35 6.12 18.04 15.44
C LEU A 35 6.24 18.88 14.12
N SER A 36 6.52 18.23 12.99
CA SER A 36 6.52 18.95 11.67
C SER A 36 5.20 19.54 11.40
N ALA A 37 4.12 18.82 11.72
CA ALA A 37 2.80 19.36 11.48
C ALA A 37 2.50 20.50 12.42
N VAL A 38 2.86 20.37 13.71
CA VAL A 38 2.57 21.53 14.61
C VAL A 38 3.39 22.75 14.24
N ARG A 39 4.64 22.57 13.87
CA ARG A 39 5.51 23.73 13.46
C ARG A 39 4.97 24.39 12.21
N ALA A 40 4.47 23.59 11.27
CA ALA A 40 3.90 24.18 10.08
C ALA A 40 2.60 24.90 10.44
N ALA A 41 1.73 24.32 11.30
CA ALA A 41 0.48 24.95 11.62
C ALA A 41 0.70 26.29 12.29
N ARG A 42 1.71 26.33 13.16
CA ARG A 42 2.03 27.64 13.83
C ARG A 42 2.94 28.53 13.01
N VAL A 43 3.56 28.03 11.92
CA VAL A 43 4.62 28.74 11.16
C VAL A 43 5.75 29.16 12.17
N SER A 44 6.21 28.16 12.92
CA SER A 44 7.13 28.47 14.04
C SER A 44 8.51 28.80 13.66
N PHE A 45 9.04 29.86 14.32
CA PHE A 45 10.47 30.15 14.24
C PHE A 45 11.22 29.21 15.13
N ASP A 46 10.59 28.80 16.22
CA ASP A 46 11.34 28.00 17.19
C ASP A 46 11.27 26.46 16.89
N MET A 47 12.42 25.82 17.06
CA MET A 47 12.53 24.37 16.79
C MET A 47 13.05 23.69 18.09
N GLY A 48 12.21 23.72 19.12
CA GLY A 48 12.52 23.16 20.45
C GLY A 48 12.02 21.72 20.52
N LEU A 49 12.00 21.14 21.70
CA LEU A 49 11.60 19.70 21.79
C LEU A 49 10.05 19.56 21.95
N LYS A 50 9.51 18.35 21.74
CA LYS A 50 8.09 17.97 22.11
C LYS A 50 7.44 18.79 23.25
N ASP A 51 6.19 19.20 23.11
CA ASP A 51 5.45 19.76 24.28
C ASP A 51 4.10 19.02 24.38
N GLU A 52 4.15 17.79 24.88
CA GLU A 52 3.06 16.84 24.66
C GLU A 52 1.70 17.50 24.78
N GLU A 53 1.46 18.21 25.87
CA GLU A 53 0.07 18.54 26.11
C GLU A 53 -0.43 19.49 25.05
N ARG A 54 0.31 20.58 24.85
CA ARG A 54 -0.09 21.65 23.95
C ARG A 54 -0.10 21.04 22.50
N ASP A 55 0.97 20.34 22.18
CA ASP A 55 1.17 19.84 20.78
C ASP A 55 0.16 18.79 20.47
N ARG A 56 -0.11 17.83 21.39
CA ARG A 56 -1.24 16.94 21.07
C ARG A 56 -2.56 17.58 20.97
N HIS A 57 -2.86 18.61 21.77
CA HIS A 57 -4.16 19.22 21.61
C HIS A 57 -4.31 19.89 20.27
N LEU A 58 -3.23 20.53 19.80
CA LEU A 58 -3.34 21.19 18.51
C LEU A 58 -3.56 20.11 17.39
N ILE A 59 -2.82 19.01 17.50
CA ILE A 59 -3.01 17.89 16.48
C ILE A 59 -4.45 17.43 16.44
N GLU A 60 -5.02 17.19 17.64
CA GLU A 60 -6.45 16.87 17.70
C GLU A 60 -7.38 17.90 17.22
N TYR A 61 -7.18 19.18 17.59
CA TYR A 61 -7.99 20.22 17.03
C TYR A 61 -7.99 20.27 15.49
N LEU A 62 -6.81 20.21 14.87
CA LEU A 62 -6.66 20.19 13.41
C LEU A 62 -7.45 19.02 12.83
N MET A 63 -7.28 17.86 13.44
CA MET A 63 -7.91 16.68 12.87
C MET A 63 -9.42 16.79 13.09
N LYS A 64 -9.83 17.21 14.30
CA LYS A 64 -11.27 17.31 14.60
C LYS A 64 -11.99 18.24 13.64
N HIS A 65 -11.35 19.34 13.25
CA HIS A 65 -11.97 20.33 12.32
C HIS A 65 -11.68 20.20 10.88
N GLY A 66 -10.94 19.16 10.49
CA GLY A 66 -10.65 19.02 9.08
C GLY A 66 -9.63 20.00 8.50
N HIS A 67 -8.73 20.46 9.34
CA HIS A 67 -7.73 21.40 8.86
C HIS A 67 -6.54 20.54 8.71
N GLU A 68 -6.49 19.82 7.59
CA GLU A 68 -5.41 18.84 7.49
C GLU A 68 -4.23 19.22 6.63
N THR A 69 -4.19 20.44 6.11
CA THR A 69 -2.99 20.80 5.35
C THR A 69 -1.70 20.72 6.16
N PRO A 70 -1.71 20.97 7.49
CA PRO A 70 -0.40 20.83 8.15
C PRO A 70 0.26 19.43 8.04
N PHE A 71 -0.60 18.43 7.92
CA PHE A 71 -0.06 17.06 7.82
C PHE A 71 0.59 16.75 6.48
N GLU A 72 0.42 17.68 5.50
CA GLU A 72 1.13 17.48 4.23
C GLU A 72 2.65 17.66 4.35
N HIS A 73 3.11 18.26 5.46
CA HIS A 73 4.53 18.45 5.68
C HIS A 73 5.24 17.23 6.28
N ILE A 74 4.55 16.08 6.45
CA ILE A 74 5.20 14.85 6.89
C ILE A 74 5.15 13.92 5.62
N VAL A 75 6.29 13.41 5.17
CA VAL A 75 6.27 12.69 3.86
C VAL A 75 6.97 11.37 4.07
N PHE A 76 6.49 10.31 3.35
CA PHE A 76 7.08 8.96 3.53
C PHE A 76 7.46 8.47 2.13
N THR A 77 8.50 7.59 2.06
CA THR A 77 8.72 6.89 0.75
C THR A 77 8.76 5.39 1.10
N PHE A 78 7.95 4.63 0.37
CA PHE A 78 7.89 3.17 0.63
C PHE A 78 8.35 2.45 -0.66
N HIS A 79 8.91 1.23 -0.44
CA HIS A 79 9.15 0.33 -1.57
C HIS A 79 8.16 -0.83 -1.34
N VAL A 80 7.30 -1.08 -2.36
CA VAL A 80 6.19 -2.02 -2.24
C VAL A 80 6.35 -3.10 -3.28
N LYS A 81 6.10 -4.39 -2.91
CA LYS A 81 6.06 -5.46 -3.95
C LYS A 81 4.65 -6.04 -3.79
N ALA A 82 3.86 -5.93 -4.90
CA ALA A 82 2.44 -6.32 -4.86
C ALA A 82 2.02 -6.85 -6.20
N PRO A 83 0.93 -7.64 -6.23
CA PRO A 83 0.49 -8.10 -7.55
C PRO A 83 -0.09 -6.97 -8.37
N ILE A 84 -0.05 -7.11 -9.70
CA ILE A 84 -0.53 -6.06 -10.59
C ILE A 84 -1.99 -5.68 -10.26
N PHE A 85 -2.90 -6.64 -9.97
CA PHE A 85 -4.30 -6.19 -9.72
C PHE A 85 -4.40 -5.31 -8.42
N VAL A 86 -3.49 -5.48 -7.45
CA VAL A 86 -3.47 -4.62 -6.23
C VAL A 86 -2.85 -3.25 -6.68
N ALA A 87 -1.76 -3.29 -7.41
CA ALA A 87 -1.11 -1.99 -7.77
C ALA A 87 -2.00 -1.20 -8.64
N ARG A 88 -2.84 -1.80 -9.50
CA ARG A 88 -3.83 -1.00 -10.28
C ARG A 88 -4.77 -0.24 -9.35
N GLN A 89 -5.20 -0.82 -8.24
CA GLN A 89 -6.14 -0.13 -7.36
C GLN A 89 -5.30 0.99 -6.66
N TRP A 90 -4.13 0.63 -6.16
CA TRP A 90 -3.23 1.59 -5.48
C TRP A 90 -2.95 2.79 -6.31
N PHE A 91 -2.62 2.61 -7.61
CA PHE A 91 -2.16 3.74 -8.41
C PHE A 91 -3.37 4.63 -8.79
N ARG A 92 -4.62 4.33 -8.40
CA ARG A 92 -5.69 5.28 -8.57
C ARG A 92 -5.53 6.46 -7.64
N HIS A 93 -4.70 6.32 -6.57
CA HIS A 93 -4.49 7.44 -5.65
C HIS A 93 -3.52 8.44 -6.30
N ARG A 94 -4.06 9.47 -6.95
CA ARG A 94 -3.30 10.41 -7.76
C ARG A 94 -2.35 11.38 -6.99
N ILE A 95 -2.71 11.64 -5.73
CA ILE A 95 -1.94 12.66 -4.93
C ILE A 95 -0.79 11.93 -4.18
N ALA A 96 0.21 11.61 -5.05
CA ALA A 96 1.34 10.75 -4.60
C ALA A 96 2.24 10.66 -5.80
N SER A 97 3.43 10.08 -5.57
CA SER A 97 4.39 9.90 -6.64
C SER A 97 4.71 8.40 -6.73
N TYR A 98 4.84 7.90 -7.96
CA TYR A 98 5.09 6.42 -8.09
C TYR A 98 6.19 6.21 -9.12
N ASN A 99 7.04 5.24 -8.88
CA ASN A 99 7.91 4.81 -9.99
C ASN A 99 7.89 3.24 -9.94
N GLU A 100 7.52 2.63 -11.06
CA GLU A 100 7.27 1.17 -11.08
C GLU A 100 8.30 0.48 -12.04
N LEU A 101 8.54 -0.82 -11.81
CA LEU A 101 9.47 -1.58 -12.68
C LEU A 101 8.75 -1.81 -14.00
N SER A 102 9.39 -1.50 -15.14
CA SER A 102 8.66 -1.61 -16.43
C SER A 102 8.90 -2.94 -17.15
N GLY A 103 7.83 -3.59 -17.61
CA GLY A 103 8.04 -4.81 -18.40
C GLY A 103 8.34 -4.47 -19.85
N ARG A 104 8.44 -3.17 -20.23
CA ARG A 104 9.01 -2.88 -21.54
C ARG A 104 10.52 -3.08 -21.63
N TYR A 105 11.20 -2.88 -20.51
CA TYR A 105 12.69 -2.75 -20.46
C TYR A 105 13.32 -3.90 -19.69
N SER A 106 12.55 -4.61 -18.89
CA SER A 106 13.23 -5.73 -18.21
C SER A 106 12.46 -7.02 -18.38
N LYS A 107 13.15 -8.14 -18.23
CA LYS A 107 12.44 -9.45 -18.25
C LYS A 107 11.74 -9.59 -16.87
N LEU A 108 10.47 -10.02 -16.87
CA LEU A 108 9.70 -10.04 -15.62
C LEU A 108 9.89 -11.42 -14.99
N SER A 109 9.99 -11.41 -13.67
CA SER A 109 10.27 -12.66 -12.89
C SER A 109 9.04 -13.52 -12.76
N TYR A 110 9.28 -14.83 -12.67
CA TYR A 110 8.21 -15.78 -12.42
C TYR A 110 7.83 -15.67 -10.96
N GLU A 111 6.91 -14.72 -10.58
CA GLU A 111 6.45 -14.59 -9.23
C GLU A 111 4.97 -14.16 -9.26
N PHE A 112 4.12 -15.02 -8.77
CA PHE A 112 2.64 -14.75 -8.89
C PHE A 112 2.02 -14.95 -7.53
N TYR A 113 0.91 -14.18 -7.32
CA TYR A 113 0.16 -14.40 -6.12
C TYR A 113 -0.82 -15.53 -6.30
N ILE A 114 -0.66 -16.52 -5.43
CA ILE A 114 -1.63 -17.65 -5.46
C ILE A 114 -2.37 -17.61 -4.14
N PRO A 115 -3.68 -17.35 -4.17
CA PRO A 115 -4.48 -17.22 -2.91
C PRO A 115 -4.38 -18.46 -2.03
N SER A 116 -4.41 -18.26 -0.73
CA SER A 116 -4.43 -19.51 0.15
C SER A 116 -5.80 -20.18 0.04
N PRO A 117 -5.96 -21.51 0.30
CA PRO A 117 -7.38 -22.03 0.32
C PRO A 117 -8.33 -21.27 1.31
N GLU A 118 -7.76 -20.68 2.39
CA GLU A 118 -8.56 -19.74 3.26
C GLU A 118 -9.17 -18.47 2.65
N ARG A 119 -8.66 -18.09 1.48
CA ARG A 119 -9.13 -16.86 0.86
C ARG A 119 -10.62 -17.05 0.54
N LEU A 120 -11.07 -18.31 0.39
CA LEU A 120 -12.49 -18.56 -0.03
C LEU A 120 -13.41 -18.84 1.16
N GLU A 121 -12.89 -18.60 2.37
CA GLU A 121 -13.75 -18.66 3.59
C GLU A 121 -15.11 -17.92 3.43
N GLY A 122 -16.18 -18.67 3.66
CA GLY A 122 -17.48 -18.06 3.64
C GLY A 122 -18.18 -18.24 2.30
N TYR A 123 -17.45 -18.72 1.27
CA TYR A 123 -18.06 -18.97 -0.05
C TYR A 123 -18.28 -20.47 -0.26
N LYS A 124 -19.50 -20.85 -0.63
CA LYS A 124 -19.75 -22.23 -1.00
C LYS A 124 -19.42 -22.42 -2.49
N THR A 125 -18.55 -23.36 -2.82
CA THR A 125 -18.11 -23.58 -4.21
C THR A 125 -18.35 -25.00 -4.62
N THR A 126 -18.42 -25.23 -5.91
CA THR A 126 -18.68 -26.58 -6.39
C THR A 126 -17.39 -27.33 -6.64
N ILE A 127 -16.26 -26.68 -6.46
CA ILE A 127 -15.02 -27.42 -6.47
C ILE A 127 -14.28 -27.11 -5.18
N PRO A 128 -13.50 -28.07 -4.66
CA PRO A 128 -12.77 -27.80 -3.38
C PRO A 128 -11.86 -26.55 -3.45
N PRO A 129 -11.73 -25.79 -2.36
CA PRO A 129 -10.78 -24.65 -2.37
C PRO A 129 -9.33 -24.99 -2.74
N GLU A 130 -8.83 -26.19 -2.39
CA GLU A 130 -7.51 -26.63 -2.84
C GLU A 130 -7.40 -26.83 -4.35
N ARG A 131 -8.49 -27.20 -4.99
CA ARG A 131 -8.45 -27.34 -6.43
C ARG A 131 -8.50 -25.91 -7.08
N VAL A 132 -9.16 -24.94 -6.45
CA VAL A 132 -9.13 -23.54 -7.03
C VAL A 132 -7.66 -23.09 -7.06
N THR A 133 -6.96 -23.39 -5.97
CA THR A 133 -5.57 -22.96 -5.82
C THR A 133 -4.73 -23.59 -6.91
N GLU A 134 -4.92 -24.88 -7.13
CA GLU A 134 -4.25 -25.59 -8.18
C GLU A 134 -4.55 -25.14 -9.61
N LYS A 135 -5.84 -24.83 -9.91
CA LYS A 135 -6.16 -24.29 -11.18
C LYS A 135 -5.49 -22.90 -11.48
N ILE A 136 -5.46 -22.03 -10.46
CA ILE A 136 -4.72 -20.75 -10.61
C ILE A 136 -3.21 -21.02 -10.90
N SER A 137 -2.61 -21.86 -10.05
CA SER A 137 -1.17 -22.19 -10.28
C SER A 137 -0.90 -22.69 -11.66
N GLU A 138 -1.78 -23.57 -12.13
CA GLU A 138 -1.65 -24.14 -13.48
C GLU A 138 -1.69 -23.17 -14.66
N ILE A 139 -2.68 -22.24 -14.63
CA ILE A 139 -2.80 -21.30 -15.74
C ILE A 139 -1.62 -20.31 -15.66
N VAL A 140 -1.19 -19.88 -14.44
CA VAL A 140 -0.09 -18.90 -14.46
C VAL A 140 1.20 -19.56 -14.92
N ASP A 141 1.39 -20.86 -14.64
CA ASP A 141 2.57 -21.56 -15.22
C ASP A 141 2.53 -21.65 -16.74
N LYS A 142 1.36 -21.93 -17.28
CA LYS A 142 1.20 -21.95 -18.76
C LYS A 142 1.44 -20.58 -19.42
N ALA A 143 0.95 -19.51 -18.76
CA ALA A 143 1.16 -18.18 -19.29
C ALA A 143 2.64 -17.79 -19.25
N TYR A 144 3.27 -18.10 -18.13
CA TYR A 144 4.71 -17.74 -18.03
C TYR A 144 5.52 -18.51 -19.07
N ARG A 145 5.15 -19.76 -19.29
CA ARG A 145 5.84 -20.55 -20.35
C ARG A 145 5.66 -19.95 -21.71
N THR A 146 4.48 -19.42 -22.04
CA THR A 146 4.32 -18.75 -23.30
C THR A 146 5.10 -17.47 -23.34
N TYR A 147 5.08 -16.68 -22.26
CA TYR A 147 5.88 -15.43 -22.22
C TYR A 147 7.35 -15.77 -22.58
N LEU A 148 7.90 -16.78 -21.90
CA LEU A 148 9.36 -17.04 -22.08
C LEU A 148 9.59 -17.61 -23.49
N GLU A 149 8.72 -18.45 -23.99
CA GLU A 149 8.82 -18.90 -25.39
C GLU A 149 8.86 -17.72 -26.39
N LEU A 150 7.98 -16.71 -26.19
CA LEU A 150 8.00 -15.59 -27.10
C LEU A 150 9.33 -14.80 -26.88
N ILE A 151 9.75 -14.50 -25.64
CA ILE A 151 10.96 -13.67 -25.43
C ILE A 151 12.20 -14.42 -26.13
N GLU A 152 12.27 -15.72 -25.90
CA GLU A 152 13.47 -16.47 -26.44
C GLU A 152 13.37 -16.64 -27.91
N SER A 153 12.21 -16.43 -28.52
CA SER A 153 12.16 -16.42 -29.99
C SER A 153 12.44 -15.04 -30.62
N GLY A 154 12.71 -14.02 -29.83
CA GLY A 154 13.00 -12.70 -30.35
C GLY A 154 11.82 -11.73 -30.38
N VAL A 155 10.69 -12.10 -29.74
CA VAL A 155 9.56 -11.13 -29.68
C VAL A 155 9.93 -10.08 -28.70
N PRO A 156 9.74 -8.77 -28.99
CA PRO A 156 10.09 -7.75 -28.01
C PRO A 156 9.30 -7.89 -26.68
N ARG A 157 10.02 -7.65 -25.59
CA ARG A 157 9.46 -7.80 -24.22
C ARG A 157 8.11 -7.05 -24.10
N GLU A 158 8.04 -5.86 -24.70
CA GLU A 158 6.81 -5.05 -24.46
C GLU A 158 5.57 -5.67 -25.12
N VAL A 159 5.74 -6.59 -26.09
CA VAL A 159 4.65 -7.36 -26.67
C VAL A 159 4.49 -8.68 -25.96
N ALA A 160 5.62 -9.39 -25.72
CA ALA A 160 5.47 -10.69 -25.01
C ALA A 160 4.78 -10.56 -23.63
N ARG A 161 5.01 -9.50 -22.87
CA ARG A 161 4.51 -9.45 -21.52
C ARG A 161 2.94 -9.37 -21.50
N ILE A 162 2.29 -9.14 -22.62
CA ILE A 162 0.84 -8.86 -22.52
C ILE A 162 0.13 -10.17 -22.22
N VAL A 163 0.78 -11.34 -22.43
CA VAL A 163 0.11 -12.59 -22.00
C VAL A 163 0.19 -12.94 -20.49
N LEU A 164 0.90 -12.14 -19.67
CA LEU A 164 0.99 -12.47 -18.27
C LEU A 164 -0.29 -12.02 -17.49
N PRO A 165 -0.69 -12.79 -16.52
CA PRO A 165 -1.88 -12.44 -15.75
C PRO A 165 -1.69 -11.39 -14.68
N LEU A 166 -2.86 -10.89 -14.28
CA LEU A 166 -2.88 -9.83 -13.32
C LEU A 166 -2.34 -10.19 -11.96
N ASN A 167 -2.13 -11.47 -11.61
CA ASN A 167 -1.54 -11.78 -10.33
C ASN A 167 -0.03 -11.83 -10.39
N LEU A 168 0.57 -11.44 -11.51
CA LEU A 168 2.11 -11.27 -11.46
C LEU A 168 2.48 -10.16 -10.44
N TYR A 169 3.54 -10.42 -9.67
CA TYR A 169 3.99 -9.34 -8.77
C TYR A 169 4.84 -8.31 -9.54
N THR A 170 4.62 -7.11 -9.11
CA THR A 170 5.45 -5.94 -9.57
C THR A 170 6.01 -5.22 -8.34
N ARG A 171 6.86 -4.23 -8.59
CA ARG A 171 7.39 -3.48 -7.43
C ARG A 171 7.42 -2.00 -7.84
N PHE A 172 7.24 -1.17 -6.82
CA PHE A 172 7.30 0.31 -7.04
C PHE A 172 7.73 1.06 -5.80
N PHE A 173 8.23 2.27 -6.04
CA PHE A 173 8.46 3.21 -4.89
C PHE A 173 7.28 4.20 -4.91
N TRP A 174 6.81 4.51 -3.72
CA TRP A 174 5.62 5.40 -3.52
C TRP A 174 6.04 6.47 -2.52
N THR A 175 5.98 7.75 -2.99
CA THR A 175 6.20 8.86 -2.02
C THR A 175 4.87 9.53 -1.79
N VAL A 176 4.53 9.69 -0.52
CA VAL A 176 3.15 10.12 -0.19
C VAL A 176 3.20 10.98 1.09
N ASN A 177 2.42 12.06 1.15
CA ASN A 177 2.46 12.77 2.48
C ASN A 177 1.41 12.22 3.40
N ALA A 178 1.43 12.61 4.66
CA ALA A 178 0.56 12.01 5.66
C ALA A 178 -0.93 12.29 5.41
N ARG A 179 -1.22 13.45 4.80
CA ARG A 179 -2.64 13.70 4.43
C ARG A 179 -3.21 12.72 3.37
N SER A 180 -2.41 12.55 2.33
CA SER A 180 -2.84 11.62 1.28
C SER A 180 -2.80 10.15 1.84
N LEU A 181 -1.88 9.86 2.78
CA LEU A 181 -1.82 8.53 3.29
C LEU A 181 -3.07 8.30 4.19
N MET A 182 -3.60 9.33 4.90
CA MET A 182 -4.85 9.19 5.68
C MET A 182 -6.03 8.91 4.73
N ASN A 183 -6.04 9.54 3.56
CA ASN A 183 -7.07 9.30 2.61
C ASN A 183 -6.95 7.83 2.13
N PHE A 184 -5.73 7.38 1.81
CA PHE A 184 -5.52 6.00 1.41
C PHE A 184 -6.05 5.01 2.49
N LEU A 185 -5.72 5.30 3.77
CA LEU A 185 -6.26 4.39 4.83
C LEU A 185 -7.76 4.44 5.00
N ASN A 186 -8.39 5.61 4.78
CA ASN A 186 -9.85 5.71 4.87
C ASN A 186 -10.45 4.76 3.84
N LEU A 187 -9.86 4.70 2.66
CA LEU A 187 -10.51 3.96 1.56
C LEU A 187 -10.02 2.50 1.48
N ARG A 188 -8.81 2.19 1.91
CA ARG A 188 -8.22 0.84 1.62
C ARG A 188 -8.14 0.03 2.94
N ALA A 189 -8.04 0.68 4.09
CA ALA A 189 -8.16 -0.03 5.38
C ALA A 189 -9.63 -0.04 5.78
N ASP A 190 -10.41 -0.82 5.04
CA ASP A 190 -11.83 -0.77 5.21
C ASP A 190 -12.38 -2.00 4.54
N SER A 191 -13.46 -2.53 5.10
CA SER A 191 -14.00 -3.78 4.65
C SER A 191 -14.59 -3.73 3.24
N HIS A 192 -14.92 -2.57 2.66
CA HIS A 192 -15.35 -2.58 1.30
C HIS A 192 -14.22 -2.73 0.27
N ALA A 193 -13.00 -2.43 0.71
CA ALA A 193 -11.83 -2.66 -0.18
C ALA A 193 -11.54 -4.17 -0.36
N GLN A 194 -10.88 -4.50 -1.46
CA GLN A 194 -10.61 -5.93 -1.66
C GLN A 194 -9.64 -6.40 -0.61
N TRP A 195 -9.84 -7.65 -0.15
CA TRP A 195 -9.01 -8.17 0.93
C TRP A 195 -7.51 -8.00 0.71
N GLU A 196 -7.02 -8.28 -0.52
CA GLU A 196 -5.57 -8.18 -0.69
C GLU A 196 -5.01 -6.77 -0.46
N ILE A 197 -5.68 -5.75 -0.93
CA ILE A 197 -5.13 -4.40 -0.61
C ILE A 197 -5.38 -3.99 0.83
N GLN A 198 -6.44 -4.51 1.49
CA GLN A 198 -6.52 -4.28 2.93
C GLN A 198 -5.30 -4.73 3.66
N GLN A 199 -4.73 -5.88 3.24
CA GLN A 199 -3.58 -6.42 3.97
C GLN A 199 -2.38 -5.43 3.86
N TYR A 200 -2.23 -4.81 2.67
CA TYR A 200 -1.18 -3.76 2.46
C TYR A 200 -1.47 -2.53 3.29
N ALA A 201 -2.75 -2.11 3.33
CA ALA A 201 -3.14 -0.87 4.06
C ALA A 201 -2.91 -1.11 5.59
N LEU A 202 -3.12 -2.33 6.10
CA LEU A 202 -2.85 -2.60 7.50
C LEU A 202 -1.37 -2.45 7.81
N ALA A 203 -0.50 -2.88 6.94
CA ALA A 203 0.97 -2.72 7.11
C ALA A 203 1.39 -1.25 7.07
N ILE A 204 0.79 -0.49 6.14
CA ILE A 204 1.15 0.92 5.96
C ILE A 204 0.66 1.56 7.29
N ALA A 205 -0.53 1.24 7.76
CA ALA A 205 -1.04 1.88 9.02
C ALA A 205 -0.10 1.61 10.16
N ARG A 206 0.42 0.38 10.27
CA ARG A 206 1.38 0.08 11.36
C ARG A 206 2.63 0.94 11.30
N ILE A 207 3.17 1.13 10.09
CA ILE A 207 4.32 2.00 9.93
C ILE A 207 3.97 3.46 10.28
N PHE A 208 2.83 3.96 9.79
CA PHE A 208 2.42 5.37 10.11
C PHE A 208 2.27 5.55 11.61
N LYS A 209 1.65 4.58 12.27
CA LYS A 209 1.50 4.66 13.75
C LYS A 209 2.85 4.72 14.42
N GLU A 210 3.82 3.96 13.94
CA GLU A 210 5.17 3.99 14.59
C GLU A 210 5.88 5.30 14.40
N LYS A 211 5.73 5.88 13.21
CA LYS A 211 6.45 7.10 12.89
C LYS A 211 5.76 8.36 13.44
N CYS A 212 4.43 8.38 13.54
CA CYS A 212 3.68 9.58 13.87
C CYS A 212 2.57 9.20 14.83
N PRO A 213 2.93 8.82 16.01
CA PRO A 213 1.89 8.32 16.91
C PRO A 213 0.79 9.28 17.28
N TRP A 214 1.14 10.57 17.58
CA TRP A 214 0.00 11.47 17.92
C TRP A 214 -0.95 11.71 16.74
N THR A 215 -0.36 11.88 15.51
CA THR A 215 -1.21 12.14 14.37
C THR A 215 -2.06 10.88 14.15
N PHE A 216 -1.41 9.71 14.22
CA PHE A 216 -2.20 8.44 14.01
C PHE A 216 -3.33 8.26 15.00
N GLU A 217 -3.05 8.48 16.29
CA GLU A 217 -4.14 8.40 17.25
C GLU A 217 -5.23 9.42 17.12
N ALA A 218 -4.89 10.68 16.79
CA ALA A 218 -5.88 11.64 16.45
C ALA A 218 -6.71 11.30 15.23
N PHE A 219 -6.05 10.78 14.19
CA PHE A 219 -6.81 10.34 12.99
C PHE A 219 -7.84 9.24 13.38
N LEU A 220 -7.42 8.21 14.11
CA LEU A 220 -8.43 7.18 14.51
C LEU A 220 -9.58 7.74 15.33
N LYS A 221 -9.28 8.71 16.19
CA LYS A 221 -10.34 9.23 17.08
C LYS A 221 -11.28 10.13 16.36
N TYR A 222 -10.83 10.93 15.39
CA TYR A 222 -11.65 11.92 14.75
C TYR A 222 -11.88 11.90 13.30
N ALA A 223 -11.05 11.25 12.49
CA ALA A 223 -11.15 11.53 11.07
C ALA A 223 -11.23 10.20 10.27
N TYR A 224 -10.82 9.11 10.90
CA TYR A 224 -10.79 7.73 10.19
C TYR A 224 -12.23 7.30 9.94
N LYS A 225 -12.48 7.03 8.67
CA LYS A 225 -13.80 6.71 8.14
C LYS A 225 -13.98 5.20 7.93
N GLY A 226 -12.90 4.42 8.05
CA GLY A 226 -12.98 2.96 7.76
C GLY A 226 -13.46 2.17 8.95
N ASP A 227 -13.48 0.87 8.80
CA ASP A 227 -14.09 0.01 9.82
C ASP A 227 -13.16 -1.11 10.32
N ILE A 228 -11.86 -1.02 10.03
CA ILE A 228 -10.93 -2.06 10.41
C ILE A 228 -9.88 -1.63 11.45
N LEU A 229 -9.39 -0.37 11.36
CA LEU A 229 -8.30 0.00 12.22
C LEU A 229 -8.77 0.24 13.63
N LYS A 230 -9.97 0.73 13.79
CA LYS A 230 -10.27 1.03 15.23
C LYS A 230 -10.17 -0.21 16.18
N GLU A 231 -11.17 -1.09 16.16
CA GLU A 231 -11.08 -2.38 16.86
C GLU A 231 -11.80 -3.48 16.07
PA FAD B . -6.55 10.64 -4.90
O1A FAD B . -6.65 10.46 -6.38
O2A FAD B . -5.23 10.39 -4.12
O5B FAD B . -7.10 12.11 -4.43
C5B FAD B . -6.94 12.54 -3.03
C4B FAD B . -8.00 13.67 -2.88
O4B FAD B . -7.57 14.74 -3.78
C3B FAD B . -9.35 13.30 -3.40
O3B FAD B . -10.05 12.67 -2.28
C2B FAD B . -10.03 14.59 -3.80
O2B FAD B . -10.31 15.26 -2.53
C1B FAD B . -8.79 15.23 -4.38
N9A FAD B . -8.60 15.12 -5.81
C8A FAD B . -7.50 14.63 -6.44
N7A FAD B . -7.59 14.82 -7.77
C5A FAD B . -8.84 15.42 -7.98
C6A FAD B . -9.51 15.92 -9.18
N6A FAD B . -9.04 15.86 -10.45
N1A FAD B . -10.69 16.47 -8.88
C2A FAD B . -11.20 16.66 -7.62
N3A FAD B . -10.56 16.22 -6.48
C4A FAD B . -9.42 15.63 -6.72
N1 FAD B . -12.56 3.32 -9.44
C2 FAD B . -13.19 3.08 -10.64
O2 FAD B . -12.78 3.66 -11.67
N3 FAD B . -14.11 2.07 -10.77
C4 FAD B . -14.62 1.40 -9.76
O4 FAD B . -15.52 0.58 -9.88
C4X FAD B . -14.07 1.66 -8.45
N5 FAD B . -14.55 1.01 -7.35
C5X FAD B . -13.92 1.26 -6.10
C6 FAD B . -14.44 0.58 -4.99
C7 FAD B . -13.80 0.82 -3.78
C7M FAD B . -14.31 0.01 -2.55
C8 FAD B . -12.74 1.80 -3.63
C8M FAD B . -12.04 2.08 -2.30
C9 FAD B . -12.21 2.49 -4.72
C9A FAD B . -12.87 2.29 -5.98
N10 FAD B . -12.43 2.93 -7.12
C10 FAD B . -13.02 2.65 -8.35
C1' FAD B . -11.34 3.87 -7.16
C2' FAD B . -11.86 5.21 -6.59
O2' FAD B . -12.75 5.71 -7.66
C3' FAD B . -10.68 6.26 -6.45
O3' FAD B . -10.06 6.43 -7.72
C4' FAD B . -9.57 5.79 -5.46
O4' FAD B . -10.28 5.34 -4.30
C5' FAD B . -8.63 7.01 -5.12
O5' FAD B . -9.39 7.89 -4.26
P FAD B . -9.16 9.48 -4.36
O1P FAD B . -9.83 10.04 -3.17
O2P FAD B . -9.63 10.08 -5.64
O3P FAD B . -7.53 9.61 -4.13
O2 51Q C . -9.71 -3.15 -9.58
C4 51Q C . -10.57 -2.73 -10.39
O3 51Q C . -11.29 -3.74 -10.91
C3 51Q C . -10.83 -1.25 -10.83
C5 51Q C . -10.38 -1.16 -12.29
S 51Q C . -10.22 0.21 -9.85
C 51Q C . -10.91 -0.28 -8.41
C2 51Q C . -10.23 0.17 -7.20
O1 51Q C . -9.38 1.01 -7.30
N2 51Q C . -10.64 -0.39 -6.07
C1 51Q C . -11.68 -1.28 -6.04
O 51Q C . -12.10 -1.77 -4.92
N1 51Q C . -12.38 -1.64 -7.13
N 51Q C . -11.90 -1.14 -8.35
#